data_5K9F
#
_entry.id   5K9F
#
_cell.length_a   95.360
_cell.length_b   95.360
_cell.length_c   63.170
_cell.angle_alpha   90.000
_cell.angle_beta   90.000
_cell.angle_gamma   90.000
#
_symmetry.space_group_name_H-M   'I 4 2 2'
#
loop_
_entity.id
_entity.type
_entity.pdbx_description
1 polymer 'NIPSNAP domain protein'
2 non-polymer 'OXAMIC ACID'
3 non-polymer 'ACETATE ION'
4 water water
#
_entity_poly.entity_id   1
_entity_poly.type   'polypeptide(L)'
_entity_poly.pdbx_seq_one_letter_code
;MAHHHHHHMLVEQRTYWLKPGSVSTFLSLYEAEGLAIQAGALGRLLGYYFSETGDLNRVIQLWGFDSFEDRTRRKAILSG
NPQWKSFVGRAGSMIERQSTELLTPAPFSPVS
;
_entity_poly.pdbx_strand_id   A
#
# COMPACT_ATOMS: atom_id res chain seq x y z
N MET A 9 17.98 0.46 5.22
CA MET A 9 16.55 0.21 4.97
C MET A 9 16.25 0.29 3.46
N LEU A 10 15.37 -0.58 3.00
CA LEU A 10 14.85 -0.54 1.64
C LEU A 10 13.44 0.03 1.69
N VAL A 11 13.18 1.07 0.90
CA VAL A 11 11.88 1.74 0.92
C VAL A 11 11.15 1.46 -0.38
N GLU A 12 9.89 1.05 -0.27
CA GLU A 12 9.06 0.84 -1.44
C GLU A 12 7.99 1.92 -1.52
N GLN A 13 7.86 2.57 -2.68
CA GLN A 13 6.79 3.54 -2.90
C GLN A 13 5.84 2.96 -3.93
N ARG A 14 4.62 2.66 -3.52
CA ARG A 14 3.60 2.07 -4.39
C ARG A 14 2.56 3.11 -4.74
N THR A 15 2.10 3.10 -5.97
CA THR A 15 1.03 4.00 -6.39
C THR A 15 -0.09 3.16 -7.00
N TYR A 16 -1.32 3.43 -6.54
CA TYR A 16 -2.51 2.88 -7.18
C TYR A 16 -3.30 4.02 -7.80
N TRP A 17 -3.70 3.85 -9.06
CA TRP A 17 -4.64 4.75 -9.70
C TRP A 17 -6.02 4.13 -9.57
N LEU A 18 -6.93 4.86 -8.93
CA LEU A 18 -8.28 4.38 -8.63
C LEU A 18 -9.29 4.97 -9.59
N LYS A 19 -10.44 4.30 -9.68
CA LYS A 19 -11.57 4.82 -10.45
C LYS A 19 -11.91 6.23 -9.97
N PRO A 20 -12.21 7.15 -10.88
CA PRO A 20 -12.51 8.52 -10.45
C PRO A 20 -13.60 8.55 -9.39
N GLY A 21 -13.33 9.33 -8.34
CA GLY A 21 -14.27 9.54 -7.27
C GLY A 21 -14.23 8.52 -6.15
N SER A 22 -13.38 7.51 -6.25
CA SER A 22 -13.45 6.37 -5.34
C SER A 22 -12.43 6.43 -4.19
N VAL A 23 -11.62 7.49 -4.10
CA VAL A 23 -10.54 7.51 -3.11
C VAL A 23 -11.09 7.39 -1.69
N SER A 24 -12.10 8.19 -1.34
CA SER A 24 -12.62 8.16 0.02
CA SER A 24 -12.58 8.15 0.04
C SER A 24 -13.21 6.80 0.36
N THR A 25 -13.90 6.18 -0.60
CA THR A 25 -14.46 4.84 -0.39
C THR A 25 -13.35 3.82 -0.16
N PHE A 26 -12.30 3.88 -0.98
CA PHE A 26 -11.19 2.95 -0.84
C PHE A 26 -10.51 3.12 0.51
N LEU A 27 -10.22 4.36 0.90
CA LEU A 27 -9.49 4.59 2.15
C LEU A 27 -10.32 4.14 3.36
N SER A 28 -11.62 4.38 3.33
CA SER A 28 -12.48 3.93 4.43
CA SER A 28 -12.48 3.93 4.42
C SER A 28 -12.52 2.41 4.51
N LEU A 29 -12.66 1.74 3.37
CA LEU A 29 -12.71 0.28 3.36
C LEU A 29 -11.37 -0.32 3.79
N TYR A 30 -10.28 0.26 3.29
CA TYR A 30 -8.95 -0.21 3.69
C TYR A 30 -8.72 -0.05 5.19
N GLU A 31 -9.03 1.13 5.74
CA GLU A 31 -8.79 1.33 7.16
C GLU A 31 -9.59 0.34 8.00
N ALA A 32 -10.81 0.02 7.55
CA ALA A 32 -11.66 -0.86 8.35
C ALA A 32 -11.29 -2.33 8.20
N GLU A 33 -10.79 -2.75 7.03
CA GLU A 33 -10.66 -4.16 6.71
C GLU A 33 -9.28 -4.61 6.26
N GLY A 34 -8.38 -3.69 5.89
CA GLY A 34 -7.10 -4.08 5.32
C GLY A 34 -5.86 -3.61 6.08
N LEU A 35 -5.96 -2.45 6.74
CA LEU A 35 -4.79 -1.81 7.35
C LEU A 35 -4.14 -2.71 8.40
N ALA A 36 -4.92 -3.23 9.36
CA ALA A 36 -4.31 -4.00 10.44
C ALA A 36 -3.62 -5.23 9.90
N ILE A 37 -4.23 -5.90 8.91
CA ILE A 37 -3.62 -7.10 8.34
C ILE A 37 -2.35 -6.74 7.57
N GLN A 38 -2.43 -5.73 6.70
CA GLN A 38 -1.29 -5.38 5.86
C GLN A 38 -0.13 -4.82 6.68
N ALA A 39 -0.41 -3.90 7.60
CA ALA A 39 0.66 -3.37 8.45
C ALA A 39 1.22 -4.45 9.35
N GLY A 40 0.38 -5.37 9.81
CA GLY A 40 0.88 -6.46 10.64
C GLY A 40 1.85 -7.35 9.89
N ALA A 41 1.58 -7.60 8.61
CA ALA A 41 2.44 -8.48 7.82
C ALA A 41 3.70 -7.76 7.35
N LEU A 42 3.54 -6.54 6.85
CA LEU A 42 4.66 -5.84 6.22
C LEU A 42 5.56 -5.13 7.21
N GLY A 43 4.99 -4.73 8.34
N GLY A 43 5.05 -4.63 8.32
CA GLY A 43 5.71 -4.05 9.39
CA GLY A 43 5.96 -4.20 9.38
C GLY A 43 5.54 -2.55 9.32
C GLY A 43 6.15 -2.72 9.68
N ARG A 44 6.48 -1.90 8.68
CA ARG A 44 6.75 -0.47 8.89
C ARG A 44 6.10 0.38 7.80
N LEU A 45 4.91 0.91 8.10
CA LEU A 45 4.28 1.90 7.22
C LEU A 45 4.93 3.25 7.45
N LEU A 46 5.44 3.85 6.38
CA LEU A 46 6.10 5.16 6.47
C LEU A 46 5.20 6.30 6.04
N GLY A 47 4.16 6.03 5.26
CA GLY A 47 3.26 7.05 4.79
C GLY A 47 2.18 6.46 3.91
N TYR A 48 0.98 7.01 4.00
CA TYR A 48 -0.13 6.55 3.17
C TYR A 48 -0.92 7.80 2.81
N TYR A 49 -0.96 8.14 1.52
CA TYR A 49 -1.43 9.44 1.07
C TYR A 49 -2.42 9.30 -0.09
N PHE A 50 -3.18 10.37 -0.33
CA PHE A 50 -3.85 10.50 -1.62
C PHE A 50 -3.42 11.80 -2.28
N SER A 51 -3.52 11.84 -3.61
CA SER A 51 -2.98 12.98 -4.34
C SER A 51 -3.93 14.17 -4.33
N GLU A 52 -3.35 15.36 -4.25
CA GLU A 52 -4.08 16.61 -4.44
C GLU A 52 -3.74 17.32 -5.74
N THR A 53 -2.58 17.00 -6.32
CA THR A 53 -2.21 17.53 -7.64
C THR A 53 -1.67 16.39 -8.49
N GLY A 54 -1.43 16.69 -9.75
CA GLY A 54 -1.05 15.68 -10.71
C GLY A 54 -2.25 14.81 -11.04
N ASP A 55 -1.98 13.55 -11.34
CA ASP A 55 -3.08 12.61 -11.52
C ASP A 55 -3.87 12.56 -10.23
N LEU A 56 -5.16 12.87 -10.32
CA LEU A 56 -6.02 12.72 -9.17
C LEU A 56 -6.40 11.26 -9.05
N ASN A 57 -7.01 10.92 -7.92
CA ASN A 57 -7.45 9.56 -7.65
C ASN A 57 -6.29 8.58 -7.49
N ARG A 58 -5.14 9.06 -7.04
CA ARG A 58 -4.02 8.20 -6.69
C ARG A 58 -3.95 8.00 -5.20
N VAL A 59 -3.64 6.77 -4.80
N VAL A 59 -3.65 6.77 -4.77
CA VAL A 59 -3.22 6.44 -3.45
CA VAL A 59 -3.22 6.53 -3.41
C VAL A 59 -1.74 6.09 -3.52
C VAL A 59 -1.78 6.04 -3.45
N ILE A 60 -0.95 6.61 -2.59
CA ILE A 60 0.49 6.45 -2.61
C ILE A 60 0.92 5.95 -1.24
N GLN A 61 1.65 4.84 -1.20
CA GLN A 61 2.07 4.30 0.09
C GLN A 61 3.57 4.05 0.09
N LEU A 62 4.19 4.32 1.24
CA LEU A 62 5.61 4.04 1.43
CA LEU A 62 5.61 4.06 1.45
C LEU A 62 5.76 3.05 2.57
N TRP A 63 6.53 1.99 2.31
CA TRP A 63 6.81 0.92 3.27
C TRP A 63 8.32 0.76 3.42
N GLY A 64 8.77 0.53 4.65
CA GLY A 64 10.18 0.31 4.94
C GLY A 64 10.44 -1.15 5.27
N PHE A 65 11.49 -1.71 4.66
CA PHE A 65 11.87 -3.11 4.86
C PHE A 65 13.33 -3.21 5.24
N ASP A 66 13.64 -4.21 6.08
CA ASP A 66 15.03 -4.46 6.46
C ASP A 66 15.86 -4.84 5.25
N SER A 67 15.27 -5.52 4.28
CA SER A 67 15.98 -6.02 3.12
C SER A 67 14.96 -6.43 2.07
N PHE A 68 15.45 -6.61 0.84
CA PHE A 68 14.58 -7.15 -0.21
C PHE A 68 14.11 -8.55 0.15
N GLU A 69 15.01 -9.38 0.71
CA GLU A 69 14.63 -10.73 1.12
C GLU A 69 13.47 -10.70 2.11
N ASP A 70 13.54 -9.78 3.09
CA ASP A 70 12.45 -9.71 4.06
C ASP A 70 11.17 -9.18 3.44
N ARG A 71 11.28 -8.22 2.52
CA ARG A 71 10.10 -7.78 1.78
C ARG A 71 9.45 -8.97 1.06
N THR A 72 10.25 -9.80 0.41
CA THR A 72 9.70 -10.97 -0.29
C THR A 72 8.96 -11.86 0.69
N ARG A 73 9.58 -12.13 1.84
CA ARG A 73 8.97 -13.01 2.84
C ARG A 73 7.65 -12.43 3.34
N ARG A 74 7.65 -11.15 3.67
CA ARG A 74 6.46 -10.55 4.26
C ARG A 74 5.35 -10.41 3.23
N LYS A 75 5.69 -10.12 1.97
CA LYS A 75 4.66 -10.03 0.93
C LYS A 75 3.98 -11.38 0.69
N ALA A 76 4.74 -12.48 0.77
CA ALA A 76 4.13 -13.78 0.59
C ALA A 76 3.26 -14.14 1.78
N ILE A 77 3.67 -13.73 2.99
CA ILE A 77 2.82 -13.94 4.16
C ILE A 77 1.49 -13.21 3.97
N LEU A 78 1.56 -11.97 3.48
CA LEU A 78 0.33 -11.20 3.31
C LEU A 78 -0.54 -11.80 2.21
N SER A 79 0.07 -12.15 1.08
CA SER A 79 -0.69 -12.66 -0.07
C SER A 79 -1.42 -13.96 0.25
N GLY A 80 -0.86 -14.77 1.15
CA GLY A 80 -1.51 -16.00 1.52
C GLY A 80 -2.52 -15.89 2.65
N ASN A 81 -2.72 -14.70 3.18
CA ASN A 81 -3.61 -14.53 4.33
C ASN A 81 -5.07 -14.56 3.88
N PRO A 82 -5.90 -15.47 4.39
CA PRO A 82 -7.28 -15.55 3.90
C PRO A 82 -8.09 -14.29 4.12
N GLN A 83 -7.86 -13.55 5.21
CA GLN A 83 -8.59 -12.31 5.40
C GLN A 83 -8.11 -11.23 4.45
N TRP A 84 -6.82 -11.25 4.09
CA TRP A 84 -6.35 -10.30 3.08
C TRP A 84 -6.98 -10.59 1.73
N LYS A 85 -7.04 -11.86 1.35
CA LYS A 85 -7.67 -12.23 0.08
C LYS A 85 -9.10 -11.73 0.03
N SER A 86 -9.82 -11.84 1.14
N SER A 86 -9.82 -11.85 1.14
CA SER A 86 -11.20 -11.37 1.17
CA SER A 86 -11.20 -11.38 1.20
C SER A 86 -11.27 -9.86 0.95
C SER A 86 -11.28 -9.87 0.97
N PHE A 87 -10.41 -9.11 1.63
CA PHE A 87 -10.39 -7.67 1.45
C PHE A 87 -10.02 -7.30 0.01
N VAL A 88 -9.03 -7.98 -0.56
CA VAL A 88 -8.66 -7.67 -1.95
C VAL A 88 -9.85 -7.90 -2.88
N GLY A 89 -10.63 -8.95 -2.60
CA GLY A 89 -11.83 -9.19 -3.40
C GLY A 89 -12.84 -8.06 -3.31
N ARG A 90 -12.99 -7.47 -2.12
CA ARG A 90 -13.98 -6.42 -1.93
CA ARG A 90 -13.97 -6.41 -1.93
C ARG A 90 -13.49 -5.05 -2.42
N ALA A 91 -12.19 -4.79 -2.32
CA ALA A 91 -11.65 -3.47 -2.68
C ALA A 91 -11.08 -3.42 -4.09
N GLY A 92 -10.81 -4.57 -4.71
CA GLY A 92 -9.96 -4.59 -5.88
C GLY A 92 -10.55 -3.90 -7.09
N SER A 93 -11.89 -3.92 -7.21
CA SER A 93 -12.52 -3.34 -8.40
C SER A 93 -12.29 -1.83 -8.50
N MET A 94 -11.90 -1.16 -7.40
CA MET A 94 -11.61 0.26 -7.48
C MET A 94 -10.24 0.55 -8.09
N ILE A 95 -9.38 -0.46 -8.22
CA ILE A 95 -8.00 -0.22 -8.65
C ILE A 95 -7.90 -0.38 -10.17
N GLU A 96 -7.47 0.68 -10.85
CA GLU A 96 -7.32 0.62 -12.30
C GLU A 96 -5.92 0.27 -12.75
N ARG A 97 -4.91 0.68 -12.00
CA ARG A 97 -3.51 0.52 -12.41
C ARG A 97 -2.64 0.57 -11.15
N GLN A 98 -1.52 -0.17 -11.17
CA GLN A 98 -0.62 -0.20 -10.03
C GLN A 98 0.82 -0.07 -10.50
N SER A 99 1.63 0.67 -9.74
CA SER A 99 3.05 0.77 -10.01
CA SER A 99 3.05 0.77 -10.01
CA SER A 99 3.06 0.77 -10.01
C SER A 99 3.82 0.79 -8.70
N THR A 100 5.10 0.44 -8.77
CA THR A 100 5.92 0.52 -7.56
C THR A 100 7.38 0.81 -7.92
N GLU A 101 8.11 1.31 -6.94
CA GLU A 101 9.53 1.62 -7.14
C GLU A 101 10.27 1.38 -5.84
N LEU A 102 11.56 1.09 -5.93
CA LEU A 102 12.39 0.89 -4.76
C LEU A 102 13.32 2.08 -4.60
N LEU A 103 13.44 2.54 -3.35
CA LEU A 103 14.21 3.73 -3.00
C LEU A 103 15.17 3.41 -1.86
N THR A 104 16.28 4.16 -1.81
CA THR A 104 17.22 4.04 -0.70
C THR A 104 17.29 5.36 0.04
N PRO A 105 17.18 5.36 1.37
CA PRO A 105 17.31 6.62 2.10
C PRO A 105 18.73 7.16 2.03
N ALA A 106 18.84 8.48 1.88
CA ALA A 106 20.09 9.16 2.12
C ALA A 106 20.49 8.97 3.58
N PRO A 107 21.79 9.07 3.89
CA PRO A 107 22.24 8.83 5.28
C PRO A 107 21.57 9.70 6.32
N PHE A 108 21.20 10.93 5.96
CA PHE A 108 20.60 11.91 6.86
C PHE A 108 19.07 11.85 6.86
N SER A 109 18.47 10.97 6.07
CA SER A 109 17.01 10.86 6.05
C SER A 109 16.52 10.38 7.43
N PRO A 110 15.37 10.87 7.89
CA PRO A 110 14.99 10.63 9.29
C PRO A 110 14.62 9.18 9.59
N VAL A 111 14.61 8.88 10.88
CA VAL A 111 14.25 7.55 11.39
C VAL A 111 15.20 6.48 10.86
#